data_4WA8
#
_entry.id   4WA8
#
_cell.length_a   55.331
_cell.length_b   86.193
_cell.length_c   147.617
_cell.angle_alpha   90.00
_cell.angle_beta   90.00
_cell.angle_gamma   90.00
#
_symmetry.space_group_name_H-M   'P 21 21 21'
#
loop_
_entity.id
_entity.type
_entity.pdbx_description
1 polymer 'Flap endonuclease 1'
2 non-polymer 'CHLORIDE ION'
3 water water
#
_entity_poly.entity_id   1
_entity_poly.type   'polypeptide(L)'
_entity_poly.pdbx_seq_one_letter_code
;ISEFGSSMGLAELRELIEPEETDLRALAGREIAIDAFNALYQFLTTIMKDGRPLMDSRGRITSHLNGLLYRTVNLVEEGI
KPVYVFDGEPPDLKRETLERRRERKEEAMEKLRRAKTKEEREKYARQVARLDESLVEDAKRLLDLMGIPWVQAPSEGEAQ
CAYMARCGDVWATGSQDYDSLLFGSPRLVRNITIVGKRKHPHTGEIIEVKPEIMRLEDVLDQLGLESREQLVDLAILLGT
DYNPDGVPGIGPKRALQLIRKYGSLDELKDTDIWPKIERHLPVEPEKLRRLFLEPEVTDDYELDWDEPDEEGLVEFLVEE
RDFSEDRVRRAVERLKEALQELRKGGRQETLDAFF
;
_entity_poly.pdbx_strand_id   A,B
#
# COMPACT_ATOMS: atom_id res chain seq x y z
N MET A 8 22.41 9.23 16.41
CA MET A 8 21.86 9.21 15.02
C MET A 8 20.44 8.60 14.95
N GLY A 9 20.13 7.66 15.82
CA GLY A 9 18.79 7.06 15.88
C GLY A 9 18.76 5.63 15.37
N LEU A 10 17.68 5.27 14.66
CA LEU A 10 17.51 3.89 14.20
C LEU A 10 18.66 3.42 13.35
N ALA A 11 19.28 4.39 12.66
CA ALA A 11 20.49 4.16 11.87
C ALA A 11 21.61 3.48 12.67
N GLU A 12 21.64 3.69 13.97
CA GLU A 12 22.60 3.00 14.82
C GLU A 12 22.37 1.49 14.92
N LEU A 13 21.13 1.04 14.68
CA LEU A 13 20.81 -0.39 14.72
C LEU A 13 20.81 -1.01 13.33
N ARG A 14 21.58 -0.42 12.43
CA ARG A 14 21.65 -0.85 11.04
C ARG A 14 22.04 -2.33 10.88
N GLU A 15 22.98 -2.80 11.70
CA GLU A 15 23.37 -4.21 11.71
C GLU A 15 22.17 -5.16 11.94
N LEU A 16 21.21 -4.74 12.76
CA LEU A 16 20.01 -5.54 13.04
C LEU A 16 18.94 -5.33 12.00
N ILE A 17 18.80 -4.10 11.54
CA ILE A 17 17.74 -3.78 10.60
C ILE A 17 18.03 -4.43 9.27
N GLU A 18 19.20 -4.26 8.69
CA GLU A 18 19.45 -4.88 7.40
C GLU A 18 18.24 -4.85 6.42
N PRO A 19 18.23 -3.89 5.49
CA PRO A 19 17.15 -3.81 4.53
C PRO A 19 17.22 -4.86 3.43
N GLU A 20 16.20 -4.89 2.58
CA GLU A 20 16.25 -5.62 1.34
C GLU A 20 16.92 -4.75 0.28
N GLU A 21 18.12 -5.15 -0.12
CA GLU A 21 18.82 -4.52 -1.22
C GLU A 21 18.12 -4.93 -2.54
N THR A 22 17.74 -3.95 -3.35
CA THR A 22 17.08 -4.23 -4.63
C THR A 22 17.67 -3.34 -5.73
N ASP A 23 17.03 -3.30 -6.89
CA ASP A 23 17.37 -2.32 -7.92
C ASP A 23 16.12 -1.55 -8.30
N LEU A 24 16.31 -0.46 -9.06
CA LEU A 24 15.21 0.43 -9.40
C LEU A 24 14.15 -0.21 -10.23
N ARG A 25 14.53 -1.10 -11.14
CA ARG A 25 13.55 -1.73 -12.01
C ARG A 25 12.61 -2.64 -11.20
N ALA A 26 13.06 -3.15 -10.06
CA ALA A 26 12.18 -3.89 -9.17
C ALA A 26 11.05 -3.03 -8.60
N LEU A 27 11.25 -1.70 -8.56
CA LEU A 27 10.21 -0.77 -8.11
C LEU A 27 9.37 -0.21 -9.26
N ALA A 28 9.48 -0.77 -10.46
CA ALA A 28 8.62 -0.37 -11.59
C ALA A 28 7.15 -0.45 -11.17
N GLY A 29 6.38 0.60 -11.47
CA GLY A 29 4.97 0.64 -11.08
C GLY A 29 4.70 1.16 -9.68
N ARG A 30 5.71 1.34 -8.84
CA ARG A 30 5.49 1.85 -7.49
C ARG A 30 5.41 3.37 -7.45
N GLU A 31 4.39 3.87 -6.76
CA GLU A 31 4.34 5.26 -6.33
C GLU A 31 5.13 5.41 -5.05
N ILE A 32 6.01 6.40 -5.01
CA ILE A 32 6.86 6.63 -3.82
C ILE A 32 6.72 8.08 -3.36
N ALA A 33 6.42 8.27 -2.08
CA ALA A 33 6.42 9.60 -1.48
C ALA A 33 7.84 9.94 -1.02
N ILE A 34 8.49 10.83 -1.74
CA ILE A 34 9.86 11.20 -1.47
C ILE A 34 9.87 12.47 -0.65
N ASP A 35 10.53 12.44 0.52
CA ASP A 35 10.69 13.65 1.31
C ASP A 35 11.54 14.65 0.53
N ALA A 36 10.96 15.81 0.24
CA ALA A 36 11.59 16.78 -0.65
C ALA A 36 12.83 17.42 -0.03
N PHE A 37 12.74 17.76 1.25
CA PHE A 37 13.87 18.39 1.93
C PHE A 37 15.05 17.44 1.95
N ASN A 38 14.80 16.16 2.22
CA ASN A 38 15.88 15.20 2.20
C ASN A 38 16.49 15.03 0.81
N ALA A 39 15.64 14.93 -0.21
CA ALA A 39 16.09 14.80 -1.58
C ALA A 39 16.94 16.00 -1.99
N LEU A 40 16.47 17.21 -1.72
CA LEU A 40 17.19 18.42 -2.12
C LEU A 40 18.53 18.51 -1.43
N TYR A 41 18.57 18.12 -0.16
CA TYR A 41 19.82 18.05 0.57
C TYR A 41 20.83 17.11 -0.11
N GLN A 42 20.40 15.93 -0.52
CA GLN A 42 21.28 15.02 -1.28
C GLN A 42 21.77 15.69 -2.56
N PHE A 43 20.87 16.33 -3.28
CA PHE A 43 21.26 17.00 -4.53
C PHE A 43 22.27 18.11 -4.24
N LEU A 44 22.01 18.92 -3.21
CA LEU A 44 22.88 20.06 -2.92
C LEU A 44 24.26 19.64 -2.44
N THR A 45 24.36 18.50 -1.74
CA THR A 45 25.63 18.06 -1.19
C THR A 45 26.39 17.06 -2.06
N THR A 46 25.74 16.45 -3.06
CA THR A 46 26.43 15.43 -3.87
C THR A 46 26.59 15.75 -5.35
N ILE A 47 25.88 16.74 -5.87
CA ILE A 47 26.00 17.11 -7.27
C ILE A 47 26.89 18.35 -7.36
N MET A 48 28.13 18.15 -7.80
CA MET A 48 29.13 19.20 -7.72
C MET A 48 30.08 19.23 -8.91
N LYS A 49 30.78 20.35 -9.03
CA LYS A 49 31.75 20.59 -10.08
C LYS A 49 32.94 21.21 -9.37
N ASP A 50 34.12 20.60 -9.49
CA ASP A 50 35.34 21.07 -8.81
C ASP A 50 35.10 21.42 -7.34
N GLY A 51 34.46 20.51 -6.61
CA GLY A 51 34.32 20.64 -5.16
C GLY A 51 33.25 21.60 -4.66
N ARG A 52 32.46 22.16 -5.58
CA ARG A 52 31.42 23.12 -5.25
C ARG A 52 30.13 22.79 -5.94
N PRO A 53 28.98 23.26 -5.41
CA PRO A 53 27.72 22.99 -6.10
C PRO A 53 27.68 23.63 -7.48
N LEU A 54 26.84 23.08 -8.36
CA LEU A 54 26.67 23.64 -9.69
C LEU A 54 26.01 25.01 -9.55
N MET A 55 26.40 25.92 -10.44
CA MET A 55 25.87 27.28 -10.43
C MET A 55 25.59 27.76 -11.84
N ASP A 56 24.61 28.65 -11.99
CA ASP A 56 24.33 29.30 -13.26
C ASP A 56 25.32 30.44 -13.44
N SER A 57 25.26 31.13 -14.57
CA SER A 57 26.24 32.16 -14.90
C SER A 57 26.13 33.42 -14.03
N ARG A 58 25.08 33.53 -13.21
CA ARG A 58 24.95 34.61 -12.23
C ARG A 58 25.37 34.15 -10.82
N GLY A 59 25.97 32.96 -10.71
CA GLY A 59 26.47 32.47 -9.44
C GLY A 59 25.45 31.80 -8.52
N ARG A 60 24.21 31.63 -8.97
CA ARG A 60 23.13 31.02 -8.16
C ARG A 60 23.21 29.50 -8.23
N ILE A 61 22.98 28.84 -7.10
CA ILE A 61 23.10 27.38 -7.01
C ILE A 61 22.09 26.74 -7.95
N THR A 62 22.49 25.66 -8.61
CA THR A 62 21.59 24.90 -9.48
C THR A 62 21.60 23.39 -9.25
N SER A 63 22.48 22.91 -8.37
CA SER A 63 22.55 21.46 -8.06
C SER A 63 21.19 20.86 -7.73
N HIS A 64 20.38 21.60 -6.99
CA HIS A 64 19.04 21.16 -6.63
C HIS A 64 18.12 20.97 -7.83
N LEU A 65 18.19 21.88 -8.77
CA LEU A 65 17.36 21.83 -9.97
C LEU A 65 17.86 20.72 -10.90
N ASN A 66 19.17 20.62 -10.99
CA ASN A 66 19.80 19.59 -11.77
C ASN A 66 19.34 18.21 -11.29
N GLY A 67 19.54 17.92 -10.01
CA GLY A 67 19.11 16.63 -9.47
C GLY A 67 17.62 16.41 -9.61
N LEU A 68 16.84 17.42 -9.27
CA LEU A 68 15.40 17.24 -9.29
C LEU A 68 14.91 16.94 -10.70
N LEU A 69 15.48 17.59 -11.72
CA LEU A 69 15.08 17.33 -13.11
C LEU A 69 15.59 15.96 -13.57
N TYR A 70 16.91 15.81 -13.61
CA TYR A 70 17.50 14.67 -14.28
C TYR A 70 17.33 13.35 -13.51
N ARG A 71 17.40 13.39 -12.16
CA ARG A 71 17.17 12.17 -11.39
C ARG A 71 15.71 11.76 -11.31
N THR A 72 14.80 12.72 -11.31
CA THR A 72 13.38 12.39 -11.35
C THR A 72 13.08 11.70 -12.68
N VAL A 73 13.68 12.20 -13.76
CA VAL A 73 13.43 11.59 -15.07
C VAL A 73 13.95 10.16 -15.06
N ASN A 74 15.13 9.96 -14.49
CA ASN A 74 15.70 8.61 -14.38
C ASN A 74 14.77 7.68 -13.62
N LEU A 75 14.22 8.14 -12.50
CA LEU A 75 13.28 7.33 -11.74
C LEU A 75 12.03 6.94 -12.57
N VAL A 76 11.47 7.88 -13.29
CA VAL A 76 10.28 7.61 -14.09
C VAL A 76 10.61 6.66 -15.24
N GLU A 77 11.81 6.77 -15.81
CA GLU A 77 12.28 5.79 -16.78
C GLU A 77 12.38 4.36 -16.22
N GLU A 78 12.69 4.19 -14.94
CA GLU A 78 12.65 2.88 -14.32
C GLU A 78 11.23 2.46 -13.91
N GLY A 79 10.23 3.31 -14.17
CA GLY A 79 8.84 2.97 -13.90
C GLY A 79 8.37 3.42 -12.54
N ILE A 80 9.18 4.23 -11.86
CA ILE A 80 8.85 4.71 -10.54
C ILE A 80 8.09 6.03 -10.68
N LYS A 81 7.02 6.18 -9.92
CA LYS A 81 6.18 7.35 -9.94
C LYS A 81 6.35 8.13 -8.63
N PRO A 82 7.22 9.16 -8.66
CA PRO A 82 7.53 9.87 -7.44
C PRO A 82 6.53 10.96 -7.13
N VAL A 83 6.29 11.19 -5.86
CA VAL A 83 5.60 12.41 -5.42
C VAL A 83 6.49 13.04 -4.35
N TYR A 84 6.78 14.33 -4.51
CA TYR A 84 7.66 15.00 -3.58
C TYR A 84 6.85 15.68 -2.52
N VAL A 85 7.26 15.56 -1.26
CA VAL A 85 6.47 16.09 -0.15
C VAL A 85 7.33 17.05 0.65
N PHE A 86 6.84 18.28 0.83
CA PHE A 86 7.63 19.36 1.39
C PHE A 86 7.24 19.61 2.83
N ASP A 87 8.25 19.76 3.68
CA ASP A 87 8.10 20.24 5.04
C ASP A 87 7.23 21.50 5.11
N GLY A 88 6.37 21.55 6.12
CA GLY A 88 5.69 22.76 6.53
C GLY A 88 6.35 23.28 7.79
N GLU A 89 5.57 23.84 8.70
CA GLU A 89 6.09 24.33 9.97
C GLU A 89 6.41 23.16 10.88
N PRO A 90 7.67 23.07 11.34
CA PRO A 90 8.00 21.98 12.25
C PRO A 90 7.27 22.12 13.59
N PRO A 91 7.18 21.02 14.36
CA PRO A 91 6.75 21.13 15.75
C PRO A 91 7.78 21.91 16.58
N ASP A 92 7.35 22.50 17.69
CA ASP A 92 8.23 23.40 18.45
C ASP A 92 9.59 22.81 18.86
N LEU A 93 9.62 21.53 19.26
CA LEU A 93 10.87 20.86 19.65
C LEU A 93 11.91 20.63 18.52
N LYS A 94 11.49 20.70 17.26
CA LYS A 94 12.35 20.28 16.14
C LYS A 94 13.80 20.75 16.24
N LEU A 131 16.26 24.67 4.70
CA LEU A 131 16.64 25.00 3.34
C LEU A 131 16.15 26.39 2.97
N ASP A 132 17.04 27.17 2.37
CA ASP A 132 16.69 28.49 1.86
C ASP A 132 15.38 28.43 1.06
N GLU A 133 14.42 29.30 1.39
CA GLU A 133 13.08 29.26 0.79
C GLU A 133 13.10 29.41 -0.75
N SER A 134 14.07 30.14 -1.30
CA SER A 134 14.18 30.25 -2.76
C SER A 134 14.47 28.91 -3.43
N LEU A 135 15.26 28.05 -2.79
CA LEU A 135 15.51 26.72 -3.32
C LEU A 135 14.23 25.91 -3.36
N VAL A 136 13.41 26.08 -2.32
CA VAL A 136 12.14 25.37 -2.22
C VAL A 136 11.15 25.84 -3.29
N GLU A 137 11.04 27.15 -3.49
CA GLU A 137 10.17 27.66 -4.54
C GLU A 137 10.68 27.28 -5.94
N ASP A 138 11.99 27.28 -6.16
CA ASP A 138 12.56 26.75 -7.40
C ASP A 138 12.08 25.31 -7.64
N ALA A 139 12.19 24.47 -6.61
CA ALA A 139 11.78 23.08 -6.69
C ALA A 139 10.32 22.94 -7.10
N LYS A 140 9.44 23.67 -6.44
CA LYS A 140 8.01 23.58 -6.73
C LYS A 140 7.68 24.04 -8.14
N ARG A 141 8.30 25.14 -8.55
CA ARG A 141 8.14 25.62 -9.92
C ARG A 141 8.58 24.55 -10.92
N LEU A 142 9.75 23.96 -10.68
CA LEU A 142 10.24 22.92 -11.57
C LEU A 142 9.29 21.73 -11.67
N LEU A 143 8.85 21.22 -10.54
CA LEU A 143 7.96 20.03 -10.54
C LEU A 143 6.63 20.32 -11.26
N ASP A 144 6.09 21.52 -11.08
CA ASP A 144 4.89 21.96 -11.78
C ASP A 144 5.11 21.92 -13.29
N LEU A 145 6.25 22.44 -13.74
CA LEU A 145 6.60 22.41 -15.14
C LEU A 145 6.81 20.99 -15.67
N MET A 146 7.32 20.12 -14.81
CA MET A 146 7.56 18.74 -15.19
C MET A 146 6.27 17.90 -15.15
N GLY A 147 5.24 18.39 -14.46
CA GLY A 147 4.02 17.64 -14.26
C GLY A 147 4.10 16.62 -13.13
N ILE A 148 5.12 16.72 -12.30
CA ILE A 148 5.36 15.75 -11.23
C ILE A 148 4.64 16.26 -9.99
N PRO A 149 3.86 15.39 -9.33
CA PRO A 149 3.06 15.92 -8.23
C PRO A 149 3.93 16.21 -7.00
N TRP A 150 3.46 17.15 -6.18
CA TRP A 150 4.03 17.39 -4.88
C TRP A 150 2.94 17.82 -3.92
N VAL A 151 3.24 17.71 -2.64
CA VAL A 151 2.29 18.00 -1.59
C VAL A 151 3.00 18.90 -0.59
N GLN A 152 2.30 19.93 -0.16
CA GLN A 152 2.74 20.75 0.94
C GLN A 152 2.24 20.12 2.24
N ALA A 153 3.14 19.53 3.01
CA ALA A 153 2.79 18.99 4.34
C ALA A 153 2.47 20.12 5.32
N PRO A 154 1.54 19.89 6.25
CA PRO A 154 1.28 20.91 7.26
C PRO A 154 2.44 21.04 8.26
N SER A 155 3.13 19.93 8.57
CA SER A 155 4.30 20.00 9.44
C SER A 155 5.45 19.12 8.93
N GLU A 156 5.69 17.95 9.53
CA GLU A 156 6.80 17.11 9.10
C GLU A 156 6.51 16.47 7.75
N GLY A 157 7.43 16.65 6.81
CA GLY A 157 7.34 16.00 5.52
C GLY A 157 7.36 14.47 5.61
N GLU A 158 8.23 13.97 6.46
CA GLU A 158 8.38 12.54 6.61
C GLU A 158 7.09 11.94 7.19
N ALA A 159 6.36 12.72 7.98
CA ALA A 159 5.11 12.23 8.59
C ALA A 159 4.01 12.17 7.53
N GLN A 160 3.97 13.19 6.70
CA GLN A 160 3.05 13.27 5.59
C GLN A 160 3.30 12.14 4.59
N CYS A 161 4.56 11.88 4.26
CA CYS A 161 4.92 10.76 3.41
C CYS A 161 4.40 9.44 4.00
N ALA A 162 4.68 9.21 5.28
CA ALA A 162 4.26 8.00 5.98
C ALA A 162 2.73 7.85 5.96
N TYR A 163 2.02 8.94 6.17
CA TYR A 163 0.55 8.94 6.17
C TYR A 163 -0.02 8.55 4.80
N MET A 164 0.60 9.07 3.75
CA MET A 164 0.18 8.76 2.38
C MET A 164 0.41 7.28 2.09
N ALA A 165 1.50 6.71 2.61
CA ALA A 165 1.77 5.31 2.46
C ALA A 165 0.79 4.48 3.27
N ARG A 166 0.47 4.89 4.50
CA ARG A 166 -0.51 4.16 5.32
C ARG A 166 -1.89 4.14 4.70
N CYS A 167 -2.25 5.25 4.04
CA CYS A 167 -3.56 5.38 3.40
C CYS A 167 -3.62 4.59 2.10
N GLY A 168 -2.48 4.11 1.61
CA GLY A 168 -2.42 3.34 0.39
C GLY A 168 -2.40 4.21 -0.85
N ASP A 169 -2.12 5.50 -0.71
CA ASP A 169 -1.98 6.39 -1.85
C ASP A 169 -0.62 6.31 -2.52
N VAL A 170 0.39 5.84 -1.78
CA VAL A 170 1.68 5.49 -2.36
C VAL A 170 2.06 4.15 -1.75
N TRP A 171 3.04 3.49 -2.37
CA TRP A 171 3.48 2.21 -1.90
C TRP A 171 4.47 2.35 -0.76
N ALA A 172 5.29 3.40 -0.81
CA ALA A 172 6.35 3.59 0.17
C ALA A 172 6.76 5.05 0.29
N THR A 173 7.54 5.31 1.33
CA THR A 173 8.20 6.58 1.49
C THR A 173 9.62 6.41 0.98
N GLY A 174 10.28 7.52 0.69
CA GLY A 174 11.61 7.49 0.09
C GLY A 174 12.45 8.61 0.69
N SER A 175 13.50 8.22 1.38
CA SER A 175 14.32 9.15 2.16
C SER A 175 15.62 8.48 2.56
N GLN A 176 16.61 9.27 2.93
CA GLN A 176 17.79 8.75 3.62
C GLN A 176 17.56 8.58 5.12
N ASP A 177 16.60 9.30 5.68
CA ASP A 177 16.27 9.18 7.09
C ASP A 177 15.32 8.02 7.29
N TYR A 178 15.30 7.52 8.54
CA TYR A 178 14.47 6.40 8.94
C TYR A 178 13.16 6.87 9.59
N ASP A 179 13.00 8.18 9.71
CA ASP A 179 11.89 8.80 10.42
C ASP A 179 10.50 8.29 10.00
N SER A 180 10.31 8.10 8.70
CA SER A 180 8.98 7.76 8.19
C SER A 180 8.45 6.46 8.79
N LEU A 181 9.35 5.55 9.15
CA LEU A 181 8.97 4.34 9.87
C LEU A 181 8.35 4.65 11.23
N LEU A 182 8.93 5.61 11.93
CA LEU A 182 8.43 6.00 13.24
C LEU A 182 7.07 6.68 13.13
N PHE A 183 6.85 7.36 12.00
CA PHE A 183 5.55 7.93 11.67
C PHE A 183 4.63 6.90 11.03
N GLY A 184 5.00 5.62 11.05
CA GLY A 184 4.09 4.54 10.65
C GLY A 184 4.06 4.13 9.18
N SER A 185 5.04 4.54 8.39
CA SER A 185 5.11 4.10 7.00
C SER A 185 5.29 2.59 6.98
N PRO A 186 4.50 1.87 6.15
CA PRO A 186 4.67 0.42 6.12
C PRO A 186 5.94 0.02 5.38
N ARG A 187 6.41 0.89 4.49
CA ARG A 187 7.61 0.65 3.69
C ARG A 187 8.39 1.93 3.47
N LEU A 188 9.70 1.82 3.61
CA LEU A 188 10.62 2.92 3.35
C LEU A 188 11.64 2.42 2.35
N VAL A 189 11.84 3.17 1.27
CA VAL A 189 12.92 2.91 0.33
C VAL A 189 14.04 3.94 0.55
N ARG A 190 15.23 3.48 0.92
CA ARG A 190 16.38 4.37 1.04
C ARG A 190 17.21 4.35 -0.22
N ASN A 191 17.98 5.41 -0.42
CA ASN A 191 18.91 5.60 -1.55
C ASN A 191 18.22 5.89 -2.89
N ILE A 192 16.92 6.17 -2.87
CA ILE A 192 16.15 6.35 -4.11
C ILE A 192 16.62 7.57 -4.94
N THR A 193 17.11 8.61 -4.27
CA THR A 193 17.58 9.82 -4.95
C THR A 193 19.07 9.79 -5.32
N ILE A 194 19.78 8.72 -5.00
CA ILE A 194 21.23 8.68 -5.15
C ILE A 194 21.74 7.35 -5.64
N VAL A 195 20.90 6.57 -6.31
CA VAL A 195 21.33 5.30 -6.84
C VAL A 195 22.41 5.55 -7.87
N GLY A 196 23.46 4.74 -7.88
CA GLY A 196 24.52 4.91 -8.88
C GLY A 196 25.89 4.48 -8.43
N LYS A 197 26.88 4.74 -9.27
CA LYS A 197 28.26 4.39 -9.04
C LYS A 197 29.15 5.62 -9.11
N ARG A 198 30.19 5.62 -8.28
CA ARG A 198 31.24 6.62 -8.38
C ARG A 198 32.59 6.01 -8.03
N LYS A 199 33.63 6.75 -8.36
CA LYS A 199 34.98 6.40 -7.96
C LYS A 199 35.36 7.20 -6.74
N HIS A 200 36.00 6.55 -5.77
CA HIS A 200 36.59 7.22 -4.62
C HIS A 200 37.72 8.14 -5.12
N PRO A 201 37.69 9.45 -4.77
CA PRO A 201 38.83 10.30 -5.15
C PRO A 201 40.18 9.73 -4.68
N HIS A 202 40.21 9.29 -3.42
CA HIS A 202 41.35 8.56 -2.85
C HIS A 202 41.65 7.23 -3.57
N THR A 203 40.88 6.19 -3.25
CA THR A 203 41.24 4.83 -3.66
C THR A 203 40.94 4.54 -5.14
N GLY A 204 39.99 5.27 -5.71
CA GLY A 204 39.51 4.99 -7.06
C GLY A 204 38.74 3.67 -7.16
N GLU A 205 38.08 3.29 -6.08
CA GLU A 205 37.27 2.08 -6.10
C GLU A 205 35.87 2.46 -6.58
N ILE A 206 35.15 1.49 -7.11
CA ILE A 206 33.79 1.75 -7.60
C ILE A 206 32.79 1.61 -6.48
N ILE A 207 32.40 2.73 -5.87
CA ILE A 207 31.38 2.73 -4.84
C ILE A 207 30.00 2.67 -5.51
N GLU A 208 29.22 1.63 -5.20
CA GLU A 208 27.89 1.47 -5.72
C GLU A 208 26.84 1.70 -4.62
N VAL A 209 25.83 2.51 -4.94
CA VAL A 209 24.69 2.75 -4.04
C VAL A 209 23.45 2.16 -4.71
N LYS A 210 22.77 1.26 -4.01
CA LYS A 210 21.58 0.59 -4.55
C LYS A 210 20.39 0.95 -3.70
N PRO A 211 19.17 0.93 -4.30
CA PRO A 211 18.01 1.20 -3.47
C PRO A 211 17.79 0.06 -2.50
N GLU A 212 17.26 0.36 -1.33
CA GLU A 212 17.07 -0.66 -0.33
C GLU A 212 15.70 -0.46 0.34
N ILE A 213 14.99 -1.55 0.58
CA ILE A 213 13.64 -1.48 1.10
C ILE A 213 13.57 -1.96 2.55
N MET A 214 12.90 -1.20 3.40
CA MET A 214 12.59 -1.64 4.75
C MET A 214 11.11 -1.60 4.99
N ARG A 215 10.59 -2.71 5.47
CA ARG A 215 9.19 -2.85 5.75
C ARG A 215 9.05 -2.76 7.24
N LEU A 216 8.14 -1.92 7.71
CA LEU A 216 7.91 -1.71 9.14
C LEU A 216 7.75 -3.03 9.89
N GLU A 217 6.94 -3.92 9.35
CA GLU A 217 6.62 -5.18 10.01
C GLU A 217 7.90 -5.99 10.23
N ASP A 218 8.77 -6.04 9.23
CA ASP A 218 10.04 -6.77 9.33
C ASP A 218 11.03 -6.11 10.27
N VAL A 219 11.03 -4.78 10.30
CA VAL A 219 11.91 -4.04 11.17
C VAL A 219 11.55 -4.41 12.61
N LEU A 220 10.24 -4.42 12.92
CA LEU A 220 9.78 -4.82 14.25
C LEU A 220 10.27 -6.23 14.60
N ASP A 221 10.03 -7.17 13.68
CA ASP A 221 10.50 -8.57 13.83
C ASP A 221 12.01 -8.66 14.00
N GLN A 222 12.75 -7.98 13.15
CA GLN A 222 14.20 -7.96 13.27
C GLN A 222 14.70 -7.47 14.66
N LEU A 223 14.01 -6.49 15.21
CA LEU A 223 14.37 -5.92 16.49
C LEU A 223 13.75 -6.69 17.66
N GLY A 224 12.85 -7.64 17.40
CA GLY A 224 12.15 -8.36 18.46
C GLY A 224 11.21 -7.45 19.24
N LEU A 225 10.51 -6.56 18.54
CA LEU A 225 9.52 -5.66 19.15
C LEU A 225 8.12 -6.04 18.68
N GLU A 226 7.12 -5.69 19.50
CA GLU A 226 5.73 -6.05 19.24
C GLU A 226 4.99 -5.04 18.39
N SER A 227 5.35 -3.77 18.52
CA SER A 227 4.56 -2.69 17.94
C SER A 227 5.39 -1.49 17.51
N ARG A 228 4.78 -0.64 16.67
CA ARG A 228 5.38 0.64 16.34
C ARG A 228 5.58 1.53 17.56
N GLU A 229 4.67 1.43 18.55
CA GLU A 229 4.79 2.21 19.79
C GLU A 229 6.13 1.96 20.49
N GLN A 230 6.58 0.71 20.50
CA GLN A 230 7.85 0.37 21.14
C GLN A 230 9.02 0.91 20.33
N LEU A 231 8.85 0.87 19.01
CA LEU A 231 9.84 1.41 18.10
C LEU A 231 10.06 2.88 18.38
N VAL A 232 8.96 3.59 18.60
CA VAL A 232 9.00 4.99 18.94
C VAL A 232 9.71 5.18 20.30
N ASP A 233 9.32 4.38 21.29
CA ASP A 233 9.99 4.45 22.59
C ASP A 233 11.49 4.20 22.46
N LEU A 234 11.86 3.19 21.66
CA LEU A 234 13.26 2.90 21.38
C LEU A 234 13.96 4.11 20.79
N ALA A 235 13.34 4.70 19.77
CA ALA A 235 13.91 5.86 19.07
C ALA A 235 14.10 7.05 20.00
N ILE A 236 13.19 7.22 20.95
CA ILE A 236 13.28 8.29 21.91
C ILE A 236 14.53 8.07 22.77
N LEU A 237 14.77 6.84 23.20
CA LEU A 237 16.01 6.52 23.93
C LEU A 237 17.28 6.82 23.12
N LEU A 238 17.26 6.49 21.84
CA LEU A 238 18.43 6.65 21.01
C LEU A 238 18.68 8.11 20.59
N GLY A 239 17.62 8.90 20.49
CA GLY A 239 17.70 10.30 20.13
C GLY A 239 17.06 10.55 18.79
N THR A 240 16.14 11.52 18.71
CA THR A 240 15.47 11.89 17.46
C THR A 240 15.74 13.37 17.17
N ASP A 241 15.14 13.89 16.10
CA ASP A 241 15.23 15.32 15.79
C ASP A 241 14.61 16.19 16.90
N TYR A 242 13.67 15.61 17.64
CA TYR A 242 13.04 16.29 18.76
C TYR A 242 13.81 16.16 20.07
N ASN A 243 14.77 15.23 20.14
CA ASN A 243 15.65 15.08 21.32
C ASN A 243 16.98 14.46 20.88
N PRO A 244 17.78 15.22 20.13
CA PRO A 244 18.93 14.68 19.38
C PRO A 244 20.12 14.19 20.22
N ASP A 245 20.17 14.51 21.51
CA ASP A 245 21.19 13.95 22.39
C ASP A 245 20.91 12.49 22.76
N GLY A 246 19.67 12.03 22.55
CA GLY A 246 19.28 10.74 23.08
C GLY A 246 19.54 10.67 24.57
N VAL A 247 19.99 9.52 25.06
CA VAL A 247 20.33 9.35 26.46
C VAL A 247 21.73 8.79 26.48
N PRO A 248 22.72 9.69 26.55
CA PRO A 248 24.09 9.20 26.71
C PRO A 248 24.15 8.29 27.93
N GLY A 249 24.98 7.27 27.85
CA GLY A 249 25.04 6.27 28.90
C GLY A 249 24.20 5.04 28.59
N ILE A 250 23.33 5.15 27.59
CA ILE A 250 22.54 4.03 27.09
C ILE A 250 22.88 3.88 25.63
N GLY A 251 23.64 2.85 25.31
CA GLY A 251 23.96 2.55 23.93
C GLY A 251 22.77 1.89 23.26
N PRO A 252 22.81 1.75 21.94
CA PRO A 252 21.71 1.20 21.17
C PRO A 252 21.26 -0.19 21.62
N LYS A 253 22.20 -1.11 21.82
CA LYS A 253 21.85 -2.47 22.24
C LYS A 253 21.18 -2.46 23.59
N ARG A 254 21.69 -1.64 24.50
CA ARG A 254 21.12 -1.45 25.83
C ARG A 254 19.70 -0.88 25.74
N ALA A 255 19.54 0.16 24.92
CA ALA A 255 18.23 0.76 24.67
C ALA A 255 17.23 -0.29 24.23
N LEU A 256 17.63 -1.11 23.26
CA LEU A 256 16.75 -2.15 22.73
C LEU A 256 16.39 -3.18 23.80
N GLN A 257 17.38 -3.66 24.53
CA GLN A 257 17.15 -4.62 25.62
C GLN A 257 16.17 -4.11 26.65
N LEU A 258 16.32 -2.84 27.02
CA LEU A 258 15.43 -2.20 27.97
C LEU A 258 13.99 -2.19 27.48
N ILE A 259 13.78 -1.75 26.24
CA ILE A 259 12.45 -1.67 25.67
C ILE A 259 11.82 -3.06 25.59
N ARG A 260 12.61 -4.06 25.22
CA ARG A 260 12.12 -5.42 25.10
C ARG A 260 11.75 -6.01 26.46
N LYS A 261 12.66 -5.88 27.42
CA LYS A 261 12.45 -6.41 28.77
C LYS A 261 11.29 -5.74 29.49
N TYR A 262 11.31 -4.42 29.52
CA TYR A 262 10.33 -3.67 30.30
C TYR A 262 9.11 -3.25 29.48
N GLY A 263 9.19 -3.32 28.16
CA GLY A 263 8.03 -3.12 27.30
C GLY A 263 7.85 -1.73 26.75
N SER A 264 8.11 -0.72 27.57
CA SER A 264 7.79 0.65 27.20
C SER A 264 8.56 1.66 28.05
N LEU A 265 8.54 2.90 27.59
CA LEU A 265 9.23 4.00 28.25
C LEU A 265 8.49 4.31 29.54
N ASP A 266 7.17 4.30 29.44
CA ASP A 266 6.31 4.45 30.61
C ASP A 266 6.69 3.47 31.73
N GLU A 267 6.86 2.19 31.39
CA GLU A 267 7.17 1.15 32.38
C GLU A 267 8.60 1.24 32.93
N LEU A 268 9.48 1.99 32.25
CA LEU A 268 10.81 2.26 32.80
C LEU A 268 10.81 3.26 33.95
N LYS A 269 9.65 3.86 34.25
CA LYS A 269 9.53 4.76 35.41
C LYS A 269 9.81 4.06 36.74
N ASP A 270 9.32 2.85 36.89
CA ASP A 270 9.46 2.12 38.15
C ASP A 270 10.87 1.55 38.34
N THR A 271 11.73 1.69 37.33
CA THR A 271 13.09 1.14 37.37
C THR A 271 14.10 2.18 37.84
N ASP A 272 15.31 1.70 38.11
CA ASP A 272 16.38 2.53 38.63
C ASP A 272 16.99 3.43 37.55
N ILE A 273 16.92 3.03 36.29
CA ILE A 273 17.54 3.81 35.24
C ILE A 273 16.76 5.10 34.92
N TRP A 274 15.53 5.21 35.42
CA TRP A 274 14.66 6.33 35.04
C TRP A 274 15.20 7.75 35.23
N PRO A 275 15.80 8.05 36.41
CA PRO A 275 16.33 9.39 36.63
C PRO A 275 17.31 9.87 35.54
N LYS A 276 18.19 8.98 35.09
CA LYS A 276 19.10 9.29 33.99
C LYS A 276 18.31 9.63 32.72
N ILE A 277 17.23 8.90 32.47
CA ILE A 277 16.38 9.17 31.31
C ILE A 277 15.67 10.53 31.47
N GLU A 278 14.97 10.71 32.58
CA GLU A 278 14.21 11.94 32.83
C GLU A 278 15.10 13.17 32.73
N ARG A 279 16.32 13.07 33.27
CA ARG A 279 17.33 14.12 33.15
C ARG A 279 17.51 14.59 31.70
N HIS A 280 17.70 13.65 30.78
CA HIS A 280 18.10 13.97 29.42
C HIS A 280 16.95 14.26 28.43
N LEU A 281 15.76 13.70 28.69
CA LEU A 281 14.61 13.98 27.85
C LEU A 281 14.17 15.42 28.06
N PRO A 282 14.19 16.26 26.99
CA PRO A 282 13.85 17.67 27.13
C PRO A 282 12.40 17.91 27.56
N VAL A 283 11.49 17.08 27.06
CA VAL A 283 10.09 17.20 27.40
C VAL A 283 9.63 15.90 28.00
N GLU A 284 8.41 15.89 28.56
CA GLU A 284 7.78 14.66 29.04
C GLU A 284 7.66 13.65 27.89
N PRO A 285 7.82 12.36 28.20
CA PRO A 285 7.93 11.33 27.17
C PRO A 285 6.66 11.20 26.33
N GLU A 286 5.50 11.31 26.96
CA GLU A 286 4.24 11.14 26.24
C GLU A 286 4.06 12.18 25.12
N LYS A 287 4.51 13.41 25.36
CA LYS A 287 4.44 14.44 24.32
C LYS A 287 5.38 14.11 23.16
N LEU A 288 6.53 13.52 23.45
CA LEU A 288 7.45 13.03 22.41
C LEU A 288 6.85 11.91 21.58
N ARG A 289 6.22 10.96 22.26
CA ARG A 289 5.52 9.86 21.62
C ARG A 289 4.41 10.37 20.72
N ARG A 290 3.65 11.34 21.21
CA ARG A 290 2.51 11.88 20.50
C ARG A 290 2.94 12.48 19.17
N LEU A 291 4.14 13.06 19.14
CA LEU A 291 4.67 13.65 17.91
C LEU A 291 4.87 12.62 16.79
N PHE A 292 5.24 11.40 17.15
CA PHE A 292 5.44 10.34 16.19
C PHE A 292 4.19 9.52 15.91
N LEU A 293 3.38 9.31 16.94
CA LEU A 293 2.20 8.46 16.82
C LEU A 293 0.99 9.21 16.32
N GLU A 294 0.93 10.52 16.59
CA GLU A 294 -0.17 11.37 16.13
C GLU A 294 0.36 12.62 15.47
N PRO A 295 1.18 12.43 14.42
CA PRO A 295 1.75 13.59 13.75
C PRO A 295 0.68 14.37 13.01
N GLU A 296 0.90 15.66 12.89
CA GLU A 296 0.02 16.49 12.08
C GLU A 296 0.27 16.15 10.60
N VAL A 297 -0.82 15.88 9.87
CA VAL A 297 -0.75 15.48 8.46
C VAL A 297 -1.99 16.00 7.76
N THR A 298 -2.04 15.85 6.43
CA THR A 298 -3.19 16.35 5.68
C THR A 298 -3.73 15.31 4.70
N ASP A 299 -5.04 15.32 4.54
CA ASP A 299 -5.80 14.60 3.50
C ASP A 299 -5.88 15.37 2.19
N ASP A 300 -5.57 16.66 2.23
CA ASP A 300 -5.90 17.52 1.10
C ASP A 300 -4.84 17.42 0.01
N TYR A 301 -4.83 16.29 -0.70
CA TYR A 301 -4.02 16.11 -1.90
C TYR A 301 -4.74 15.17 -2.86
N GLU A 302 -4.34 15.23 -4.12
CA GLU A 302 -4.83 14.32 -5.14
C GLU A 302 -3.69 14.09 -6.12
N LEU A 303 -3.19 12.87 -6.19
CA LEU A 303 -1.98 12.56 -6.94
C LEU A 303 -2.22 12.33 -8.44
N ASP A 304 -1.49 13.07 -9.27
CA ASP A 304 -1.55 13.06 -10.72
C ASP A 304 -0.15 13.10 -11.24
N TRP A 305 0.10 12.44 -12.36
CA TRP A 305 1.33 12.64 -13.10
C TRP A 305 0.96 13.21 -14.46
N ASP A 306 1.21 14.49 -14.68
CA ASP A 306 0.82 15.20 -15.90
C ASP A 306 1.97 15.26 -16.92
N GLU A 307 1.66 15.71 -18.13
CA GLU A 307 2.67 15.90 -19.16
C GLU A 307 3.57 17.08 -18.81
N PRO A 308 4.88 16.95 -19.05
CA PRO A 308 5.75 18.10 -18.84
C PRO A 308 5.46 19.19 -19.87
N ASP A 309 5.80 20.42 -19.50
CA ASP A 309 5.66 21.60 -20.34
C ASP A 309 7.06 21.92 -20.91
N GLU A 310 7.34 21.46 -22.12
CA GLU A 310 8.68 21.56 -22.69
C GLU A 310 9.17 23.00 -22.76
N GLU A 311 8.32 23.90 -23.27
CA GLU A 311 8.75 25.26 -23.50
C GLU A 311 8.90 26.03 -22.19
N GLY A 312 8.07 25.75 -21.20
CA GLY A 312 8.21 26.39 -19.89
C GLY A 312 9.49 25.96 -19.17
N LEU A 313 9.80 24.66 -19.28
CA LEU A 313 11.03 24.12 -18.74
C LEU A 313 12.24 24.78 -19.37
N VAL A 314 12.21 24.95 -20.69
CA VAL A 314 13.29 25.61 -21.39
C VAL A 314 13.41 27.07 -20.93
N GLU A 315 12.30 27.80 -20.87
CA GLU A 315 12.32 29.18 -20.35
C GLU A 315 12.96 29.25 -18.97
N PHE A 316 12.54 28.36 -18.07
CA PHE A 316 13.05 28.38 -16.70
C PHE A 316 14.51 27.96 -16.60
N LEU A 317 14.83 26.74 -17.03
CA LEU A 317 16.15 26.16 -16.78
C LEU A 317 17.23 26.65 -17.73
N VAL A 318 16.88 26.78 -19.00
CA VAL A 318 17.83 27.17 -20.03
C VAL A 318 18.02 28.67 -20.00
N GLU A 319 16.93 29.41 -20.14
CA GLU A 319 17.03 30.87 -20.32
C GLU A 319 17.31 31.61 -19.02
N GLU A 320 16.81 31.11 -17.89
CA GLU A 320 17.10 31.74 -16.58
C GLU A 320 18.26 31.09 -15.85
N ARG A 321 18.50 29.80 -16.04
CA ARG A 321 19.52 29.10 -15.21
C ARG A 321 20.66 28.40 -15.96
N ASP A 322 20.77 28.65 -17.26
CA ASP A 322 21.93 28.21 -18.05
C ASP A 322 22.09 26.71 -18.18
N PHE A 323 21.01 25.98 -18.02
CA PHE A 323 21.04 24.56 -18.35
C PHE A 323 21.27 24.39 -19.87
N SER A 324 21.85 23.24 -20.24
CA SER A 324 21.99 22.84 -21.64
C SER A 324 20.61 22.57 -22.26
N GLU A 325 20.31 23.28 -23.34
CA GLU A 325 19.02 23.18 -23.99
C GLU A 325 18.77 21.80 -24.58
N ASP A 326 19.76 21.26 -25.25
CA ASP A 326 19.66 19.90 -25.81
C ASP A 326 19.40 18.89 -24.70
N ARG A 327 20.05 19.06 -23.55
CA ARG A 327 19.89 18.08 -22.49
C ARG A 327 18.51 18.17 -21.83
N VAL A 328 18.06 19.39 -21.63
CA VAL A 328 16.74 19.61 -21.04
C VAL A 328 15.64 19.09 -21.98
N ARG A 329 15.74 19.46 -23.25
CA ARG A 329 14.75 19.02 -24.22
C ARG A 329 14.73 17.50 -24.32
N ARG A 330 15.91 16.89 -24.34
CA ARG A 330 15.96 15.44 -24.37
C ARG A 330 15.37 14.81 -23.12
N ALA A 331 15.60 15.43 -21.97
CA ALA A 331 15.02 14.95 -20.71
C ALA A 331 13.51 15.02 -20.71
N VAL A 332 12.97 16.09 -21.30
CA VAL A 332 11.53 16.24 -21.46
C VAL A 332 10.95 15.13 -22.36
N GLU A 333 11.62 14.82 -23.46
CA GLU A 333 11.18 13.73 -24.34
C GLU A 333 11.23 12.37 -23.60
N ARG A 334 12.34 12.11 -22.91
CA ARG A 334 12.51 10.90 -22.13
C ARG A 334 11.41 10.77 -21.09
N LEU A 335 11.05 11.87 -20.44
CA LEU A 335 9.99 11.88 -19.45
C LEU A 335 8.61 11.59 -20.05
N LYS A 336 8.26 12.22 -21.17
CA LYS A 336 6.98 11.94 -21.84
C LYS A 336 6.85 10.47 -22.24
N GLU A 337 7.91 9.92 -22.80
CA GLU A 337 7.92 8.53 -23.19
C GLU A 337 7.81 7.59 -21.98
N ALA A 338 8.46 7.93 -20.87
CA ALA A 338 8.43 7.09 -19.67
C ALA A 338 7.04 7.09 -19.06
N LEU A 339 6.40 8.26 -19.03
CA LEU A 339 5.04 8.37 -18.52
C LEU A 339 4.12 7.55 -19.36
N GLN A 340 4.29 7.68 -20.68
CA GLN A 340 3.50 6.93 -21.63
C GLN A 340 3.62 5.42 -21.42
N GLU A 341 4.83 4.96 -21.14
CA GLU A 341 5.06 3.54 -20.97
C GLU A 341 4.37 3.01 -19.72
N LEU A 342 4.25 3.82 -18.69
CA LEU A 342 3.46 3.49 -17.51
C LEU A 342 1.96 3.54 -17.76
N ARG A 343 1.51 4.49 -18.58
CA ARG A 343 0.08 4.62 -18.93
C ARG A 343 -0.46 3.37 -19.63
N LYS A 344 0.28 2.85 -20.60
CA LYS A 344 -0.25 1.78 -21.47
C LYS A 344 -0.39 0.40 -20.80
N GLY A 345 -0.01 0.30 -19.53
CA GLY A 345 -0.36 -0.88 -18.71
C GLY A 345 -1.30 -0.58 -17.54
N GLY A 346 -1.70 0.70 -17.40
CA GLY A 346 -2.44 1.15 -16.22
C GLY A 346 -1.48 1.53 -15.12
N MET B 8 -21.68 -18.93 10.73
CA MET B 8 -21.29 -18.17 9.51
C MET B 8 -19.98 -17.41 9.66
N GLY B 9 -19.61 -17.04 10.88
CA GLY B 9 -18.29 -16.43 11.13
C GLY B 9 -18.35 -14.96 11.52
N LEU B 10 -17.41 -14.16 11.02
CA LEU B 10 -17.34 -12.74 11.38
C LEU B 10 -18.59 -11.95 11.02
N ALA B 11 -19.28 -12.41 9.96
CA ALA B 11 -20.58 -11.85 9.56
C ALA B 11 -21.60 -11.83 10.68
N GLU B 12 -21.48 -12.76 11.63
CA GLU B 12 -22.35 -12.75 12.80
C GLU B 12 -22.14 -11.56 13.72
N LEU B 13 -20.96 -10.95 13.66
CA LEU B 13 -20.64 -9.78 14.48
C LEU B 13 -20.81 -8.46 13.71
N ARG B 14 -21.67 -8.47 12.70
CA ARG B 14 -21.89 -7.33 11.82
C ARG B 14 -22.33 -6.07 12.58
N GLU B 15 -23.16 -6.25 13.59
CA GLU B 15 -23.55 -5.15 14.47
C GLU B 15 -22.34 -4.40 15.04
N LEU B 16 -21.29 -5.13 15.37
CA LEU B 16 -20.08 -4.53 15.92
C LEU B 16 -19.16 -4.02 14.82
N ILE B 17 -19.07 -4.76 13.71
CA ILE B 17 -18.19 -4.42 12.61
C ILE B 17 -18.91 -3.49 11.61
N GLU B 18 -19.22 -2.26 12.01
CA GLU B 18 -19.90 -1.29 11.15
C GLU B 18 -18.92 -0.78 10.10
N PRO B 19 -19.08 -1.17 8.82
CA PRO B 19 -18.14 -0.67 7.83
C PRO B 19 -18.35 0.80 7.48
N GLU B 20 -17.43 1.34 6.70
CA GLU B 20 -17.60 2.66 6.11
C GLU B 20 -18.42 2.52 4.82
N GLU B 21 -19.63 3.03 4.84
CA GLU B 21 -20.50 3.08 3.67
C GLU B 21 -19.99 4.18 2.75
N THR B 22 -19.69 3.83 1.51
CA THR B 22 -19.18 4.80 0.56
C THR B 22 -19.92 4.61 -0.78
N ASP B 23 -19.42 5.25 -1.83
CA ASP B 23 -19.90 4.98 -3.17
C ASP B 23 -18.70 4.65 -4.05
N LEU B 24 -18.98 4.16 -5.24
CA LEU B 24 -17.94 3.66 -6.13
C LEU B 24 -16.98 4.74 -6.57
N ARG B 25 -17.48 5.96 -6.79
CA ARG B 25 -16.61 7.03 -7.24
C ARG B 25 -15.57 7.40 -6.17
N ALA B 26 -15.87 7.16 -4.90
CA ALA B 26 -14.87 7.34 -3.84
C ALA B 26 -13.69 6.38 -3.98
N LEU B 27 -13.88 5.24 -4.67
CA LEU B 27 -12.80 4.29 -4.94
C LEU B 27 -12.10 4.50 -6.27
N ALA B 28 -12.36 5.64 -6.93
CA ALA B 28 -11.64 5.99 -8.16
C ALA B 28 -10.13 5.93 -7.94
N GLY B 29 -9.42 5.27 -8.84
CA GLY B 29 -7.97 5.10 -8.72
C GLY B 29 -7.53 3.90 -7.91
N ARG B 30 -8.44 3.22 -7.20
CA ARG B 30 -8.05 2.06 -6.40
C ARG B 30 -7.98 0.77 -7.22
N GLU B 31 -6.89 0.03 -7.05
CA GLU B 31 -6.81 -1.34 -7.51
C GLU B 31 -7.44 -2.22 -6.45
N ILE B 32 -8.33 -3.11 -6.88
CA ILE B 32 -9.02 -4.02 -5.96
C ILE B 32 -8.85 -5.48 -6.41
N ALA B 33 -8.40 -6.34 -5.50
CA ALA B 33 -8.35 -7.77 -5.76
C ALA B 33 -9.70 -8.39 -5.39
N ILE B 34 -10.45 -8.77 -6.42
CA ILE B 34 -11.78 -9.31 -6.26
C ILE B 34 -11.69 -10.83 -6.32
N ASP B 35 -12.20 -11.50 -5.28
CA ASP B 35 -12.28 -12.93 -5.30
C ASP B 35 -13.21 -13.37 -6.42
N ALA B 36 -12.68 -14.12 -7.37
CA ALA B 36 -13.43 -14.46 -8.59
C ALA B 36 -14.58 -15.42 -8.29
N PHE B 37 -14.33 -16.42 -7.45
CA PHE B 37 -15.36 -17.40 -7.14
C PHE B 37 -16.52 -16.69 -6.46
N ASN B 38 -16.23 -15.79 -5.52
CA ASN B 38 -17.31 -15.07 -4.88
C ASN B 38 -18.09 -14.18 -5.86
N ALA B 39 -17.37 -13.46 -6.71
CA ALA B 39 -18.00 -12.63 -7.73
C ALA B 39 -18.91 -13.44 -8.66
N LEU B 40 -18.39 -14.55 -9.18
CA LEU B 40 -19.16 -15.37 -10.11
C LEU B 40 -20.41 -15.93 -9.44
N TYR B 41 -20.28 -16.30 -8.17
CA TYR B 41 -21.44 -16.76 -7.39
C TYR B 41 -22.52 -15.68 -7.31
N GLN B 42 -22.14 -14.43 -7.03
CA GLN B 42 -23.12 -13.33 -7.03
C GLN B 42 -23.77 -13.21 -8.41
N PHE B 43 -22.97 -13.28 -9.45
CA PHE B 43 -23.52 -13.14 -10.80
C PHE B 43 -24.49 -14.29 -11.11
N LEU B 44 -24.10 -15.52 -10.75
CA LEU B 44 -24.94 -16.69 -11.06
C LEU B 44 -26.25 -16.71 -10.27
N THR B 45 -26.25 -16.17 -9.07
CA THR B 45 -27.44 -16.20 -8.22
C THR B 45 -28.31 -14.94 -8.29
N THR B 46 -27.79 -13.83 -8.81
CA THR B 46 -28.57 -12.58 -8.81
C THR B 46 -28.92 -12.02 -10.20
N ILE B 47 -28.28 -12.50 -11.26
CA ILE B 47 -28.58 -12.01 -12.60
C ILE B 47 -29.47 -13.03 -13.30
N MET B 48 -30.76 -12.71 -13.41
CA MET B 48 -31.76 -13.68 -13.84
C MET B 48 -32.86 -13.09 -14.72
N LYS B 49 -33.59 -13.98 -15.38
CA LYS B 49 -34.66 -13.64 -16.29
C LYS B 49 -35.82 -14.58 -16.02
N ARG B 52 -35.00 -17.71 -13.64
CA ARG B 52 -33.81 -18.55 -13.87
C ARG B 52 -32.58 -17.74 -14.37
N PRO B 53 -31.37 -18.33 -14.30
CA PRO B 53 -30.20 -17.63 -14.82
C PRO B 53 -30.31 -17.36 -16.32
N LEU B 54 -29.56 -16.37 -16.80
CA LEU B 54 -29.55 -16.06 -18.23
C LEU B 54 -28.90 -17.21 -18.97
N MET B 55 -29.39 -17.48 -20.17
CA MET B 55 -28.89 -18.57 -21.00
C MET B 55 -28.77 -18.14 -22.46
N ASP B 56 -27.84 -18.76 -23.17
CA ASP B 56 -27.73 -18.58 -24.60
C ASP B 56 -28.74 -19.50 -25.29
N SER B 57 -28.85 -19.43 -26.61
CA SER B 57 -29.88 -20.16 -27.34
C SER B 57 -29.68 -21.68 -27.35
N ARG B 58 -28.52 -22.14 -26.87
CA ARG B 58 -28.26 -23.58 -26.70
C ARG B 58 -28.51 -24.01 -25.25
N GLY B 59 -29.06 -23.12 -24.42
CA GLY B 59 -29.40 -23.45 -23.04
C GLY B 59 -28.28 -23.38 -22.02
N ARG B 60 -27.10 -22.92 -22.43
CA ARG B 60 -25.94 -22.81 -21.52
C ARG B 60 -26.03 -21.52 -20.72
N ILE B 61 -25.64 -21.59 -19.44
CA ILE B 61 -25.71 -20.43 -18.54
C ILE B 61 -24.82 -19.32 -19.07
N THR B 62 -25.29 -18.08 -18.94
CA THR B 62 -24.49 -16.90 -19.32
C THR B 62 -24.47 -15.79 -18.27
N SER B 63 -25.22 -15.94 -17.17
CA SER B 63 -25.26 -14.93 -16.11
C SER B 63 -23.86 -14.53 -15.64
N HIS B 64 -22.97 -15.50 -15.55
CA HIS B 64 -21.60 -15.25 -15.13
C HIS B 64 -20.84 -14.36 -16.10
N LEU B 65 -21.02 -14.59 -17.40
CA LEU B 65 -20.36 -13.81 -18.42
C LEU B 65 -20.97 -12.41 -18.51
N ASN B 66 -22.29 -12.36 -18.36
CA ASN B 66 -23.00 -11.11 -18.36
C ASN B 66 -22.48 -10.21 -17.25
N GLY B 67 -22.50 -10.70 -16.01
CA GLY B 67 -22.01 -9.92 -14.87
C GLY B 67 -20.55 -9.56 -15.02
N LEU B 68 -19.75 -10.53 -15.39
CA LEU B 68 -18.31 -10.28 -15.47
C LEU B 68 -17.99 -9.22 -16.52
N LEU B 69 -18.68 -9.22 -17.66
CA LEU B 69 -18.47 -8.20 -18.67
C LEU B 69 -19.02 -6.84 -18.20
N TYR B 70 -20.32 -6.77 -18.00
CA TYR B 70 -20.99 -5.48 -17.83
C TYR B 70 -20.68 -4.82 -16.48
N ARG B 71 -20.58 -5.60 -15.41
CA ARG B 71 -20.25 -5.02 -14.11
C ARG B 71 -18.79 -4.63 -13.97
N THR B 72 -17.90 -5.38 -14.59
CA THR B 72 -16.50 -4.99 -14.62
C THR B 72 -16.36 -3.65 -15.37
N VAL B 73 -17.09 -3.49 -16.47
CA VAL B 73 -17.02 -2.24 -17.23
C VAL B 73 -17.51 -1.10 -16.35
N ASN B 74 -18.59 -1.33 -15.62
CA ASN B 74 -19.13 -0.31 -14.71
C ASN B 74 -18.09 0.09 -13.68
N LEU B 75 -17.41 -0.88 -13.09
CA LEU B 75 -16.36 -0.58 -12.10
C LEU B 75 -15.23 0.28 -12.68
N VAL B 76 -14.76 -0.09 -13.87
CA VAL B 76 -13.71 0.70 -14.50
C VAL B 76 -14.18 2.12 -14.86
N GLU B 77 -15.46 2.26 -15.27
CA GLU B 77 -16.05 3.59 -15.47
C GLU B 77 -16.07 4.43 -14.21
N GLU B 78 -16.20 3.82 -13.03
CA GLU B 78 -16.06 4.58 -11.78
C GLU B 78 -14.59 4.81 -11.38
N GLY B 79 -13.64 4.33 -12.18
CA GLY B 79 -12.22 4.54 -11.93
C GLY B 79 -11.59 3.43 -11.10
N ILE B 80 -12.31 2.32 -10.91
CA ILE B 80 -11.80 1.19 -10.15
C ILE B 80 -11.09 0.26 -11.09
N LYS B 81 -9.93 -0.22 -10.65
CA LYS B 81 -9.11 -1.15 -11.44
C LYS B 81 -9.14 -2.55 -10.79
N PRO B 82 -10.00 -3.41 -11.29
CA PRO B 82 -10.17 -4.71 -10.67
C PRO B 82 -9.14 -5.72 -11.15
N VAL B 83 -8.76 -6.63 -10.26
CA VAL B 83 -8.04 -7.83 -10.67
C VAL B 83 -8.80 -9.00 -10.04
N TYR B 84 -9.12 -10.00 -10.86
CA TYR B 84 -9.90 -11.13 -10.40
C TYR B 84 -8.96 -12.25 -10.00
N VAL B 85 -9.21 -12.86 -8.86
CA VAL B 85 -8.29 -13.87 -8.34
C VAL B 85 -9.06 -15.16 -8.14
N PHE B 86 -8.56 -16.23 -8.76
CA PHE B 86 -9.26 -17.50 -8.80
C PHE B 86 -8.70 -18.51 -7.81
N ASP B 87 -9.59 -19.18 -7.08
CA ASP B 87 -9.27 -20.33 -6.23
C ASP B 87 -8.44 -21.37 -6.95
N GLY B 88 -7.47 -21.92 -6.24
CA GLY B 88 -6.75 -23.10 -6.67
C GLY B 88 -7.25 -24.28 -5.85
N GLU B 89 -6.37 -25.22 -5.54
CA GLU B 89 -6.73 -26.37 -4.72
C GLU B 89 -6.87 -25.95 -3.25
N PRO B 90 -8.03 -26.23 -2.63
CA PRO B 90 -8.21 -25.88 -1.22
C PRO B 90 -7.29 -26.70 -0.33
N PRO B 91 -7.07 -26.24 0.91
CA PRO B 91 -6.28 -27.03 1.88
C PRO B 91 -6.94 -28.36 2.31
N LEU B 131 -17.47 -24.31 -8.12
CA LEU B 131 -17.98 -23.83 -9.40
C LEU B 131 -17.54 -24.76 -10.52
N ASP B 132 -18.49 -25.11 -11.38
CA ASP B 132 -18.19 -25.90 -12.57
C ASP B 132 -16.99 -25.30 -13.33
N GLU B 133 -16.00 -26.14 -13.64
CA GLU B 133 -14.74 -25.67 -14.25
C GLU B 133 -14.94 -24.94 -15.59
N SER B 134 -15.97 -25.30 -16.37
CA SER B 134 -16.25 -24.61 -17.62
C SER B 134 -16.65 -23.12 -17.40
N LEU B 135 -17.36 -22.83 -16.31
CA LEU B 135 -17.67 -21.44 -15.96
C LEU B 135 -16.39 -20.66 -15.68
N VAL B 136 -15.45 -21.32 -15.01
CA VAL B 136 -14.18 -20.71 -14.64
C VAL B 136 -13.33 -20.42 -15.86
N GLU B 137 -13.24 -21.38 -16.79
CA GLU B 137 -12.52 -21.14 -18.06
C GLU B 137 -13.20 -20.06 -18.90
N ASP B 138 -14.54 -20.04 -18.94
CA ASP B 138 -15.26 -18.97 -19.60
C ASP B 138 -14.79 -17.61 -19.03
N ALA B 139 -14.76 -17.51 -17.71
CA ALA B 139 -14.39 -16.29 -17.03
C ALA B 139 -12.99 -15.82 -17.43
N LYS B 140 -12.03 -16.75 -17.40
CA LYS B 140 -10.65 -16.41 -17.77
C LYS B 140 -10.52 -15.98 -19.21
N ARG B 141 -11.20 -16.67 -20.12
CA ARG B 141 -11.21 -16.30 -21.53
C ARG B 141 -11.77 -14.90 -21.70
N LEU B 142 -12.89 -14.64 -21.06
CA LEU B 142 -13.50 -13.31 -21.13
C LEU B 142 -12.57 -12.21 -20.65
N LEU B 143 -11.98 -12.39 -19.47
CA LEU B 143 -11.10 -11.36 -18.91
C LEU B 143 -9.87 -11.09 -19.78
N ASP B 144 -9.30 -12.16 -20.36
CA ASP B 144 -8.21 -12.01 -21.31
C ASP B 144 -8.64 -11.16 -22.50
N LEU B 145 -9.83 -11.41 -23.03
CA LEU B 145 -10.37 -10.62 -24.16
C LEU B 145 -10.64 -9.16 -23.77
N MET B 146 -11.02 -8.97 -22.51
CA MET B 146 -11.29 -7.63 -22.00
C MET B 146 -10.01 -6.89 -21.63
N GLY B 147 -8.91 -7.61 -21.48
CA GLY B 147 -7.64 -7.02 -21.02
C GLY B 147 -7.59 -6.82 -19.51
N ILE B 148 -8.47 -7.47 -18.78
CA ILE B 148 -8.57 -7.30 -17.34
C ILE B 148 -7.69 -8.36 -16.68
N PRO B 149 -6.79 -7.96 -15.77
CA PRO B 149 -5.90 -8.97 -15.22
C PRO B 149 -6.60 -9.94 -14.27
N TRP B 150 -6.05 -11.14 -14.18
CA TRP B 150 -6.46 -12.11 -13.18
C TRP B 150 -5.28 -12.94 -12.76
N VAL B 151 -5.42 -13.60 -11.63
CA VAL B 151 -4.35 -14.37 -11.03
C VAL B 151 -4.91 -15.72 -10.64
N GLN B 152 -4.16 -16.77 -10.95
CA GLN B 152 -4.48 -18.09 -10.47
C GLN B 152 -3.83 -18.29 -9.11
N ALA B 153 -4.62 -18.31 -8.03
CA ALA B 153 -4.10 -18.58 -6.70
C ALA B 153 -3.66 -20.04 -6.58
N PRO B 154 -2.63 -20.31 -5.77
CA PRO B 154 -2.25 -21.71 -5.56
C PRO B 154 -3.26 -22.45 -4.69
N SER B 155 -3.90 -21.76 -3.75
CA SER B 155 -4.93 -22.37 -2.93
C SER B 155 -6.14 -21.42 -2.72
N GLU B 156 -6.27 -20.80 -1.54
CA GLU B 156 -7.44 -19.96 -1.27
C GLU B 156 -7.33 -18.65 -2.04
N GLY B 157 -8.35 -18.33 -2.82
CA GLY B 157 -8.42 -17.05 -3.52
C GLY B 157 -8.42 -15.84 -2.60
N GLU B 158 -9.17 -15.95 -1.51
CA GLU B 158 -9.29 -14.87 -0.55
C GLU B 158 -7.93 -14.62 0.12
N ALA B 159 -7.12 -15.66 0.26
CA ALA B 159 -5.80 -15.53 0.88
C ALA B 159 -4.85 -14.80 -0.08
N GLN B 160 -4.93 -15.18 -1.34
CA GLN B 160 -4.14 -14.58 -2.40
C GLN B 160 -4.50 -13.10 -2.56
N CYS B 161 -5.81 -12.77 -2.52
CA CYS B 161 -6.26 -11.38 -2.56
C CYS B 161 -5.65 -10.58 -1.40
N ALA B 162 -5.78 -11.14 -0.19
CA ALA B 162 -5.26 -10.49 1.00
C ALA B 162 -3.77 -10.24 0.89
N TYR B 163 -3.04 -11.24 0.40
CA TYR B 163 -1.59 -11.13 0.24
C TYR B 163 -1.21 -10.01 -0.72
N MET B 164 -1.96 -9.90 -1.81
CA MET B 164 -1.71 -8.86 -2.80
C MET B 164 -1.95 -7.47 -2.19
N ALA B 165 -2.96 -7.38 -1.32
CA ALA B 165 -3.23 -6.14 -0.61
C ALA B 165 -2.14 -5.83 0.42
N ARG B 166 -1.67 -6.84 1.14
CA ARG B 166 -0.59 -6.63 2.12
C ARG B 166 0.70 -6.21 1.47
N CYS B 167 0.95 -6.71 0.25
CA CYS B 167 2.18 -6.38 -0.48
C CYS B 167 2.10 -5.00 -1.11
N GLY B 168 0.90 -4.40 -1.09
CA GLY B 168 0.69 -3.09 -1.69
C GLY B 168 0.47 -3.12 -3.19
N ASP B 169 0.17 -4.30 -3.75
CA ASP B 169 -0.06 -4.41 -5.19
C ASP B 169 -1.49 -4.07 -5.54
N VAL B 170 -2.38 -4.15 -4.55
CA VAL B 170 -3.73 -3.61 -4.66
C VAL B 170 -4.02 -2.86 -3.37
N TRP B 171 -5.04 -2.01 -3.39
CA TRP B 171 -5.39 -1.22 -2.24
C TRP B 171 -6.25 -2.06 -1.28
N ALA B 172 -7.07 -2.95 -1.82
CA ALA B 172 -7.99 -3.73 -1.01
C ALA B 172 -8.41 -5.01 -1.68
N THR B 173 -9.07 -5.86 -0.89
CA THR B 173 -9.69 -7.05 -1.41
C THR B 173 -11.16 -6.71 -1.58
N GLY B 174 -11.84 -7.50 -2.39
CA GLY B 174 -13.25 -7.24 -2.70
C GLY B 174 -14.01 -8.55 -2.73
N SER B 175 -14.98 -8.69 -1.83
CA SER B 175 -15.70 -9.95 -1.65
C SER B 175 -16.93 -9.73 -0.80
N GLN B 176 -17.89 -10.65 -0.85
CA GLN B 176 -18.98 -10.67 0.12
C GLN B 176 -18.57 -11.35 1.41
N ASP B 177 -17.53 -12.19 1.35
CA ASP B 177 -17.05 -12.87 2.53
C ASP B 177 -16.08 -11.95 3.27
N TYR B 178 -15.90 -12.25 4.54
CA TYR B 178 -15.00 -11.52 5.40
C TYR B 178 -13.62 -12.19 5.53
N ASP B 179 -13.46 -13.35 4.89
CA ASP B 179 -12.28 -14.19 5.05
C ASP B 179 -10.96 -13.44 4.84
N SER B 180 -10.91 -12.53 3.85
CA SER B 180 -9.65 -11.89 3.48
C SER B 180 -9.03 -11.12 4.65
N LEU B 181 -9.87 -10.62 5.55
CA LEU B 181 -9.41 -9.99 6.77
C LEU B 181 -8.62 -10.97 7.65
N LEU B 182 -9.10 -12.20 7.73
CA LEU B 182 -8.44 -13.24 8.54
C LEU B 182 -7.11 -13.62 7.92
N PHE B 183 -7.04 -13.51 6.59
CA PHE B 183 -5.80 -13.72 5.87
C PHE B 183 -4.96 -12.44 5.81
N GLY B 184 -5.33 -11.43 6.59
CA GLY B 184 -4.48 -10.24 6.76
C GLY B 184 -4.64 -9.07 5.80
N SER B 185 -5.71 -9.04 5.02
CA SER B 185 -5.95 -7.88 4.15
C SER B 185 -6.12 -6.64 5.01
N PRO B 186 -5.43 -5.53 4.67
CA PRO B 186 -5.59 -4.32 5.48
C PRO B 186 -6.94 -3.67 5.23
N ARG B 187 -7.50 -3.92 4.06
CA ARG B 187 -8.78 -3.34 3.64
C ARG B 187 -9.60 -4.33 2.83
N LEU B 188 -10.88 -4.41 3.14
CA LEU B 188 -11.83 -5.24 2.41
C LEU B 188 -12.97 -4.32 2.00
N VAL B 189 -13.30 -4.34 0.70
CA VAL B 189 -14.49 -3.67 0.22
C VAL B 189 -15.57 -4.74 -0.05
N ARG B 190 -16.68 -4.69 0.67
CA ARG B 190 -17.83 -5.52 0.36
C ARG B 190 -18.80 -4.83 -0.59
N ASN B 191 -19.59 -5.65 -1.28
CA ASN B 191 -20.66 -5.23 -2.20
C ASN B 191 -20.16 -4.69 -3.54
N ILE B 192 -18.87 -4.86 -3.81
CA ILE B 192 -18.27 -4.26 -5.00
C ILE B 192 -18.85 -4.81 -6.31
N THR B 193 -19.26 -6.08 -6.31
CA THR B 193 -19.83 -6.71 -7.49
C THR B 193 -21.35 -6.60 -7.61
N ILE B 194 -22.00 -5.93 -6.67
CA ILE B 194 -23.46 -5.92 -6.63
C ILE B 194 -24.01 -4.55 -6.23
N VAL B 195 -23.25 -3.49 -6.44
CA VAL B 195 -23.73 -2.16 -6.09
C VAL B 195 -24.94 -1.85 -6.94
N GLY B 196 -25.96 -1.23 -6.36
CA GLY B 196 -27.16 -0.90 -7.15
C GLY B 196 -28.45 -0.87 -6.38
N LYS B 197 -29.54 -0.64 -7.09
CA LYS B 197 -30.86 -0.55 -6.50
C LYS B 197 -31.78 -1.57 -7.14
N ARG B 198 -32.71 -2.10 -6.34
CA ARG B 198 -33.77 -2.96 -6.86
C ARG B 198 -35.05 -2.74 -6.06
N ILE B 206 -37.40 -0.79 -2.75
CA ILE B 206 -36.48 0.36 -2.75
C ILE B 206 -35.09 0.03 -2.15
N ILE B 207 -34.57 -1.17 -2.45
CA ILE B 207 -33.38 -1.69 -1.77
C ILE B 207 -32.10 -1.21 -2.45
N GLU B 208 -31.27 -0.51 -1.69
CA GLU B 208 -30.01 -0.01 -2.20
C GLU B 208 -28.83 -0.73 -1.57
N VAL B 209 -27.88 -1.16 -2.41
CA VAL B 209 -26.66 -1.82 -1.96
C VAL B 209 -25.51 -0.90 -2.33
N LYS B 210 -24.74 -0.49 -1.34
CA LYS B 210 -23.64 0.43 -1.52
C LYS B 210 -22.33 -0.26 -1.15
N PRO B 211 -21.21 0.17 -1.75
CA PRO B 211 -19.95 -0.45 -1.37
C PRO B 211 -19.60 -0.04 0.05
N GLU B 212 -18.94 -0.92 0.77
CA GLU B 212 -18.68 -0.76 2.20
C GLU B 212 -17.23 -1.12 2.46
N ILE B 213 -16.50 -0.26 3.13
CA ILE B 213 -15.08 -0.51 3.36
C ILE B 213 -14.83 -0.92 4.80
N MET B 214 -14.06 -1.98 5.00
CA MET B 214 -13.60 -2.35 6.32
C MET B 214 -12.10 -2.39 6.33
N ARG B 215 -11.53 -1.72 7.33
CA ARG B 215 -10.09 -1.69 7.51
C ARG B 215 -9.77 -2.58 8.68
N LEU B 216 -8.83 -3.49 8.48
CA LEU B 216 -8.46 -4.48 9.50
C LEU B 216 -8.21 -3.83 10.85
N GLU B 217 -7.49 -2.72 10.85
CA GLU B 217 -7.14 -2.03 12.08
C GLU B 217 -8.38 -1.58 12.84
N ASP B 218 -9.35 -1.01 12.12
CA ASP B 218 -10.62 -0.59 12.74
C ASP B 218 -11.49 -1.76 13.21
N VAL B 219 -11.48 -2.86 12.47
CA VAL B 219 -12.25 -4.05 12.83
C VAL B 219 -11.73 -4.53 14.18
N LEU B 220 -10.42 -4.60 14.31
CA LEU B 220 -9.81 -4.99 15.59
C LEU B 220 -10.29 -4.08 16.72
N ASP B 221 -10.17 -2.77 16.52
CA ASP B 221 -10.67 -1.79 17.48
C ASP B 221 -12.16 -1.92 17.78
N GLN B 222 -12.98 -2.05 16.75
CA GLN B 222 -14.43 -2.25 16.91
C GLN B 222 -14.78 -3.48 17.78
N LEU B 223 -13.98 -4.53 17.65
CA LEU B 223 -14.16 -5.74 18.44
C LEU B 223 -13.44 -5.71 19.78
N GLY B 224 -12.63 -4.69 20.03
CA GLY B 224 -11.81 -4.66 21.24
C GLY B 224 -10.77 -5.77 21.27
N LEU B 225 -10.12 -6.03 20.13
CA LEU B 225 -9.01 -7.01 20.04
C LEU B 225 -7.68 -6.31 19.72
N GLU B 226 -6.58 -6.96 20.06
CA GLU B 226 -5.23 -6.38 19.91
C GLU B 226 -4.59 -6.66 18.57
N SER B 227 -4.88 -7.83 18.00
CA SER B 227 -4.13 -8.32 16.87
C SER B 227 -4.97 -9.16 15.91
N ARG B 228 -4.46 -9.34 14.70
CA ARG B 228 -5.05 -10.27 13.76
C ARG B 228 -5.08 -11.70 14.27
N GLU B 229 -4.07 -12.09 15.03
CA GLU B 229 -4.00 -13.43 15.64
C GLU B 229 -5.24 -13.74 16.51
N GLN B 230 -5.70 -12.75 17.28
CA GLN B 230 -6.91 -12.92 18.09
C GLN B 230 -8.15 -13.03 17.23
N LEU B 231 -8.17 -12.25 16.15
CA LEU B 231 -9.27 -12.27 15.20
C LEU B 231 -9.41 -13.66 14.61
N VAL B 232 -8.27 -14.26 14.29
CA VAL B 232 -8.24 -15.63 13.79
C VAL B 232 -8.73 -16.59 14.87
N ASP B 233 -8.23 -16.44 16.09
CA ASP B 233 -8.70 -17.29 17.19
C ASP B 233 -10.23 -17.15 17.38
N LEU B 234 -10.74 -15.91 17.33
CA LEU B 234 -12.17 -15.66 17.41
C LEU B 234 -12.90 -16.42 16.31
N ALA B 235 -12.43 -16.27 15.08
CA ALA B 235 -13.05 -16.91 13.93
C ALA B 235 -13.07 -18.45 14.04
N ILE B 236 -12.02 -19.00 14.64
CA ILE B 236 -11.96 -20.43 14.87
C ILE B 236 -13.07 -20.87 15.86
N LEU B 237 -13.27 -20.12 16.93
CA LEU B 237 -14.39 -20.38 17.86
C LEU B 237 -15.76 -20.32 17.18
N LEU B 238 -15.95 -19.32 16.30
CA LEU B 238 -17.22 -19.10 15.64
C LEU B 238 -17.49 -20.17 14.60
N GLY B 239 -16.44 -20.68 13.97
CA GLY B 239 -16.55 -21.65 12.89
C GLY B 239 -16.12 -21.04 11.57
N THR B 240 -15.21 -21.70 10.86
CA THR B 240 -14.74 -21.25 9.54
C THR B 240 -15.03 -22.34 8.51
N ASP B 241 -14.61 -22.10 7.27
CA ASP B 241 -14.72 -23.12 6.22
C ASP B 241 -13.94 -24.38 6.58
N TYR B 242 -12.91 -24.24 7.39
CA TYR B 242 -12.09 -25.35 7.83
C TYR B 242 -12.64 -26.06 9.07
N ASN B 243 -13.59 -25.42 9.76
CA ASN B 243 -14.26 -26.03 10.91
C ASN B 243 -15.66 -25.44 11.07
N PRO B 244 -16.57 -25.75 10.12
CA PRO B 244 -17.82 -24.99 9.93
C PRO B 244 -18.88 -25.17 11.03
N ASP B 245 -18.71 -26.15 11.89
CA ASP B 245 -19.59 -26.29 13.04
C ASP B 245 -19.30 -25.29 14.15
N GLY B 246 -18.11 -24.66 14.13
CA GLY B 246 -17.68 -23.84 15.25
C GLY B 246 -17.76 -24.68 16.52
N VAL B 247 -18.19 -24.06 17.62
CA VAL B 247 -18.30 -24.75 18.91
C VAL B 247 -19.67 -24.55 19.58
N PRO B 248 -20.46 -25.63 19.76
CA PRO B 248 -21.81 -25.51 20.32
C PRO B 248 -21.83 -25.03 21.76
N GLY B 249 -22.71 -24.10 22.09
CA GLY B 249 -22.73 -23.49 23.41
C GLY B 249 -21.92 -22.21 23.43
N ILE B 250 -21.17 -21.95 22.36
CA ILE B 250 -20.44 -20.71 22.29
C ILE B 250 -20.95 -19.83 21.13
N GLY B 251 -21.81 -18.88 21.47
CA GLY B 251 -22.33 -17.93 20.52
C GLY B 251 -21.28 -16.87 20.25
N PRO B 252 -21.53 -16.00 19.26
CA PRO B 252 -20.61 -14.95 18.90
C PRO B 252 -20.18 -14.03 20.04
N LYS B 253 -21.13 -13.53 20.83
CA LYS B 253 -20.80 -12.61 21.92
C LYS B 253 -19.92 -13.31 22.93
N ARG B 254 -20.26 -14.56 23.24
CA ARG B 254 -19.50 -15.38 24.18
C ARG B 254 -18.09 -15.64 23.66
N ALA B 255 -17.99 -16.04 22.40
CA ALA B 255 -16.71 -16.23 21.75
C ALA B 255 -15.83 -15.00 21.90
N LEU B 256 -16.39 -13.83 21.60
CA LEU B 256 -15.65 -12.59 21.66
C LEU B 256 -15.19 -12.29 23.09
N GLN B 257 -16.09 -12.38 24.05
CA GLN B 257 -15.73 -12.10 25.45
C GLN B 257 -14.65 -13.08 25.98
N LEU B 258 -14.69 -14.34 25.55
CA LEU B 258 -13.61 -15.29 25.87
C LEU B 258 -12.24 -14.88 25.32
N ILE B 259 -12.19 -14.56 24.03
CA ILE B 259 -10.93 -14.15 23.39
C ILE B 259 -10.39 -12.90 24.05
N ARG B 260 -11.28 -11.96 24.39
CA ARG B 260 -10.85 -10.71 25.00
C ARG B 260 -10.32 -10.91 26.41
N LYS B 261 -11.08 -11.64 27.22
CA LYS B 261 -10.73 -11.89 28.60
C LYS B 261 -9.44 -12.70 28.70
N TYR B 262 -9.38 -13.82 28.00
CA TYR B 262 -8.25 -14.75 28.13
C TYR B 262 -7.14 -14.53 27.11
N GLY B 263 -7.42 -13.74 26.07
CA GLY B 263 -6.39 -13.34 25.12
C GLY B 263 -6.26 -14.18 23.87
N SER B 264 -6.35 -15.49 24.00
CA SER B 264 -6.00 -16.38 22.89
C SER B 264 -6.57 -17.78 23.10
N LEU B 265 -6.58 -18.55 22.03
CA LEU B 265 -7.14 -19.91 22.03
C LEU B 265 -6.20 -20.79 22.85
N ASP B 266 -4.91 -20.58 22.64
CA ASP B 266 -3.88 -21.23 23.44
C ASP B 266 -4.12 -21.06 24.95
N GLU B 267 -4.39 -19.83 25.37
CA GLU B 267 -4.59 -19.51 26.79
C GLU B 267 -5.90 -20.06 27.36
N LEU B 268 -6.84 -20.40 26.49
CA LEU B 268 -8.08 -21.07 26.92
C LEU B 268 -7.85 -22.52 27.33
N LYS B 269 -6.63 -23.04 27.15
CA LYS B 269 -6.26 -24.37 27.64
C LYS B 269 -6.28 -24.43 29.17
N ASP B 272 -10.96 -24.34 31.43
CA ASP B 272 -12.22 -24.93 31.88
C ASP B 272 -13.19 -25.26 30.76
N ILE B 273 -13.48 -24.25 29.97
CA ILE B 273 -14.29 -24.44 28.77
C ILE B 273 -13.51 -25.26 27.72
N TRP B 274 -12.21 -25.47 27.95
CA TRP B 274 -11.34 -26.10 26.94
C TRP B 274 -11.80 -27.47 26.39
N PRO B 275 -12.20 -28.40 27.28
CA PRO B 275 -12.63 -29.73 26.80
C PRO B 275 -13.75 -29.69 25.76
N LYS B 276 -14.72 -28.81 25.96
CA LYS B 276 -15.78 -28.60 24.97
C LYS B 276 -15.19 -28.08 23.65
N ILE B 277 -14.19 -27.22 23.72
CA ILE B 277 -13.53 -26.71 22.51
C ILE B 277 -12.76 -27.83 21.80
N GLU B 278 -11.87 -28.49 22.54
CA GLU B 278 -11.03 -29.56 21.98
C GLU B 278 -11.87 -30.63 21.32
N ARG B 279 -12.97 -31.00 21.96
CA ARG B 279 -13.93 -31.95 21.37
C ARG B 279 -14.31 -31.57 19.94
N HIS B 280 -14.71 -30.32 19.74
CA HIS B 280 -15.33 -29.91 18.49
C HIS B 280 -14.38 -29.43 17.39
N LEU B 281 -13.19 -28.96 17.75
CA LEU B 281 -12.19 -28.60 16.76
C LEU B 281 -11.68 -29.86 16.08
N PRO B 282 -11.88 -29.98 14.75
CA PRO B 282 -11.49 -31.19 14.01
C PRO B 282 -9.98 -31.46 14.02
N VAL B 283 -9.16 -30.42 13.95
CA VAL B 283 -7.69 -30.57 14.08
C VAL B 283 -7.18 -29.73 15.24
N GLU B 284 -5.90 -29.90 15.56
CA GLU B 284 -5.26 -29.08 16.58
C GLU B 284 -5.34 -27.60 16.20
N PRO B 285 -5.50 -26.71 17.20
CA PRO B 285 -5.80 -25.31 16.93
C PRO B 285 -4.68 -24.62 16.17
N GLU B 286 -3.44 -24.95 16.49
CA GLU B 286 -2.31 -24.29 15.84
C GLU B 286 -2.29 -24.53 14.32
N LYS B 287 -2.66 -25.73 13.88
CA LYS B 287 -2.74 -26.01 12.45
C LYS B 287 -3.84 -25.19 11.76
N LEU B 288 -4.95 -24.96 12.47
CA LEU B 288 -6.02 -24.09 11.99
C LEU B 288 -5.56 -22.64 11.86
N ARG B 289 -4.85 -22.17 12.89
CA ARG B 289 -4.28 -20.84 12.92
C ARG B 289 -3.32 -20.66 11.76
N ARG B 290 -2.48 -21.66 11.54
CA ARG B 290 -1.46 -21.61 10.50
C ARG B 290 -2.07 -21.43 9.12
N LEU B 291 -3.24 -22.00 8.90
CA LEU B 291 -3.96 -21.85 7.62
C LEU B 291 -4.33 -20.39 7.33
N PHE B 292 -4.66 -19.62 8.35
CA PHE B 292 -5.01 -18.23 8.19
C PHE B 292 -3.84 -17.27 8.30
N LEU B 293 -2.88 -17.59 9.15
CA LEU B 293 -1.72 -16.72 9.40
C LEU B 293 -0.57 -16.97 8.42
N GLU B 294 -0.47 -18.20 7.89
CA GLU B 294 0.56 -18.54 6.91
C GLU B 294 -0.05 -19.24 5.71
N PRO B 295 -1.03 -18.61 5.06
CA PRO B 295 -1.70 -19.26 3.94
C PRO B 295 -0.76 -19.43 2.76
N GLU B 296 -1.02 -20.45 1.96
CA GLU B 296 -0.30 -20.64 0.73
C GLU B 296 -0.75 -19.56 -0.27
N VAL B 297 0.22 -18.87 -0.86
CA VAL B 297 -0.03 -17.75 -1.76
C VAL B 297 1.11 -17.71 -2.77
N THR B 298 1.00 -16.86 -3.78
CA THR B 298 2.02 -16.78 -4.80
C THR B 298 2.44 -15.35 -5.10
N ASP B 299 3.73 -15.20 -5.41
CA ASP B 299 4.34 -13.97 -5.91
C ASP B 299 4.26 -13.85 -7.41
N ASP B 300 3.94 -14.95 -8.09
CA ASP B 300 4.12 -14.99 -9.52
C ASP B 300 2.93 -14.35 -10.26
N TYR B 301 2.87 -13.02 -10.19
CA TYR B 301 1.89 -12.24 -10.97
C TYR B 301 2.49 -10.89 -11.27
N GLU B 302 1.97 -10.25 -12.31
CA GLU B 302 2.36 -8.89 -12.63
C GLU B 302 1.14 -8.21 -13.21
N LEU B 303 0.63 -7.20 -12.51
CA LEU B 303 -0.67 -6.64 -12.81
C LEU B 303 -0.61 -5.58 -13.90
N ASP B 304 -1.49 -5.71 -14.88
CA ASP B 304 -1.68 -4.66 -15.87
C ASP B 304 -3.07 -4.70 -16.43
N TRP B 305 -3.48 -3.55 -16.99
CA TRP B 305 -4.79 -3.40 -17.57
C TRP B 305 -4.64 -3.06 -19.04
N ASP B 306 -4.92 -4.03 -19.91
CA ASP B 306 -4.70 -3.88 -21.35
C ASP B 306 -5.97 -3.45 -22.08
N GLU B 307 -5.82 -3.11 -23.36
CA GLU B 307 -6.96 -2.74 -24.21
C GLU B 307 -7.81 -3.97 -24.50
N PRO B 308 -9.15 -3.80 -24.48
CA PRO B 308 -9.99 -4.93 -24.87
C PRO B 308 -9.85 -5.23 -26.34
N ASP B 309 -10.15 -6.47 -26.70
CA ASP B 309 -10.14 -6.96 -28.08
C ASP B 309 -11.58 -6.99 -28.57
N GLU B 310 -12.01 -5.94 -29.27
CA GLU B 310 -13.42 -5.79 -29.62
C GLU B 310 -13.94 -6.97 -30.44
N GLU B 311 -13.18 -7.37 -31.46
CA GLU B 311 -13.66 -8.40 -32.36
C GLU B 311 -13.65 -9.78 -31.72
N GLY B 312 -12.70 -10.05 -30.85
CA GLY B 312 -12.66 -11.32 -30.12
C GLY B 312 -13.81 -11.45 -29.14
N LEU B 313 -14.13 -10.34 -28.46
CA LEU B 313 -15.27 -10.29 -27.57
C LEU B 313 -16.57 -10.56 -28.32
N VAL B 314 -16.72 -9.95 -29.49
CA VAL B 314 -17.90 -10.16 -30.32
C VAL B 314 -17.97 -11.60 -30.76
N GLU B 315 -16.86 -12.16 -31.23
CA GLU B 315 -16.82 -13.57 -31.60
C GLU B 315 -17.26 -14.47 -30.45
N PHE B 316 -16.72 -14.23 -29.26
CA PHE B 316 -17.02 -15.07 -28.09
C PHE B 316 -18.46 -14.88 -27.61
N LEU B 317 -18.83 -13.67 -27.26
CA LEU B 317 -20.11 -13.44 -26.58
C LEU B 317 -21.31 -13.36 -27.51
N VAL B 318 -21.14 -12.73 -28.67
CA VAL B 318 -22.23 -12.51 -29.61
C VAL B 318 -22.43 -13.77 -30.45
N GLU B 319 -21.38 -14.22 -31.10
CA GLU B 319 -21.49 -15.34 -32.05
C GLU B 319 -21.61 -16.69 -31.38
N GLU B 320 -20.94 -16.90 -30.25
CA GLU B 320 -21.06 -18.17 -29.53
C GLU B 320 -22.14 -18.15 -28.44
N ARG B 321 -22.41 -16.99 -27.83
CA ARG B 321 -23.29 -16.95 -26.63
C ARG B 321 -24.49 -16.05 -26.69
N ASP B 322 -24.79 -15.53 -27.88
CA ASP B 322 -26.03 -14.80 -28.14
C ASP B 322 -26.21 -13.50 -27.35
N PHE B 323 -25.10 -12.89 -26.95
CA PHE B 323 -25.16 -11.55 -26.40
C PHE B 323 -25.60 -10.57 -27.50
N SER B 324 -26.21 -9.47 -27.07
CA SER B 324 -26.53 -8.34 -27.97
C SER B 324 -25.23 -7.67 -28.47
N GLU B 325 -25.09 -7.59 -29.79
CA GLU B 325 -23.88 -7.06 -30.40
C GLU B 325 -23.69 -5.58 -30.12
N ASP B 326 -24.78 -4.82 -30.24
CA ASP B 326 -24.74 -3.40 -29.93
C ASP B 326 -24.33 -3.17 -28.49
N ARG B 327 -24.81 -4.00 -27.58
CA ARG B 327 -24.49 -3.79 -26.18
C ARG B 327 -23.04 -4.14 -25.88
N VAL B 328 -22.56 -5.24 -26.45
CA VAL B 328 -21.19 -5.66 -26.24
C VAL B 328 -20.22 -4.63 -26.83
N ARG B 329 -20.48 -4.22 -28.07
CA ARG B 329 -19.62 -3.23 -28.73
C ARG B 329 -19.59 -1.93 -27.94
N ARG B 330 -20.74 -1.49 -27.47
CA ARG B 330 -20.79 -0.29 -26.68
C ARG B 330 -20.04 -0.45 -25.36
N ALA B 331 -20.13 -1.63 -24.74
CA ALA B 331 -19.39 -1.90 -23.51
C ALA B 331 -17.88 -1.86 -23.74
N VAL B 332 -17.45 -2.35 -24.89
CA VAL B 332 -16.04 -2.30 -25.28
C VAL B 332 -15.56 -0.86 -25.45
N GLU B 333 -16.37 -0.04 -26.10
CA GLU B 333 -16.04 1.38 -26.24
C GLU B 333 -15.98 2.07 -24.88
N ARG B 334 -16.98 1.82 -24.05
CA ARG B 334 -17.04 2.38 -22.70
C ARG B 334 -15.80 1.99 -21.91
N LEU B 335 -15.36 0.74 -22.06
CA LEU B 335 -14.19 0.24 -21.37
C LEU B 335 -12.90 0.92 -21.83
N LYS B 336 -12.70 1.04 -23.15
CA LYS B 336 -11.53 1.73 -23.67
C LYS B 336 -11.45 3.18 -23.17
N GLU B 337 -12.58 3.89 -23.22
CA GLU B 337 -12.64 5.26 -22.73
C GLU B 337 -12.34 5.34 -21.21
N ALA B 338 -12.84 4.39 -20.43
CA ALA B 338 -12.64 4.39 -18.99
C ALA B 338 -11.18 4.13 -18.65
N LEU B 339 -10.56 3.21 -19.36
CA LEU B 339 -9.14 2.95 -19.17
C LEU B 339 -8.31 4.20 -19.50
N GLN B 340 -8.68 4.84 -20.62
CA GLN B 340 -8.04 6.06 -21.05
C GLN B 340 -8.11 7.16 -20.00
N GLU B 341 -9.27 7.29 -19.36
CA GLU B 341 -9.47 8.32 -18.36
C GLU B 341 -8.59 8.09 -17.13
N LEU B 342 -8.33 6.83 -16.80
CA LEU B 342 -7.37 6.48 -15.75
C LEU B 342 -5.92 6.70 -16.16
N ARG B 343 -5.60 6.45 -17.44
CA ARG B 343 -4.25 6.67 -17.96
C ARG B 343 -3.81 8.12 -17.87
N LYS B 344 -4.69 9.05 -18.25
CA LYS B 344 -4.29 10.44 -18.36
C LYS B 344 -4.03 11.19 -17.03
N GLY B 345 -4.20 10.50 -15.90
CA GLY B 345 -3.70 11.00 -14.61
C GLY B 345 -2.58 10.16 -14.01
N GLY B 346 -2.17 9.08 -14.68
CA GLY B 346 -1.22 8.11 -14.13
C GLY B 346 -1.94 7.03 -13.35
#